data_5D8L
#
_entry.id   5D8L
#
_cell.length_a   40.174
_cell.length_b   47.140
_cell.length_c   109.587
_cell.angle_alpha   82.82
_cell.angle_beta   90.03
_cell.angle_gamma   64.75
#
_symmetry.space_group_name_H-M   'P 1'
#
loop_
_entity.id
_entity.type
_entity.pdbx_description
1 polymer "DNA (5'-D(P*GP*TP*GP*AP*AP*TP*AP*TP*TP*CP*TP*AP*GP*AP*AP*CP*C)-3')"
2 polymer 'Heat shock factor protein 2'
3 polymer "DNA (5'-D(*GP*GP*TP*TP*CP*TP*AP*GP*AP*AP*TP*AP*TP*TP*CP*AP*C)-3')"
4 water water
#
loop_
_entity_poly.entity_id
_entity_poly.type
_entity_poly.pdbx_seq_one_letter_code
_entity_poly.pdbx_strand_id
1 'polydeoxyribonucleotide' (DG)(DT)(DG)(DA)(DA)(DT)(DA)(DT)(DT)(DC)(DT)(DA)(DG)(DA)(DA)(DC)(DC) A,G
2 'polypeptide(L)'
;HMPAFLSKLWTLVEETHTNEFITWSQNGQSFLVLDEQRFAKEILPKYFKHNNMASFVRQLNMYGFRKVVHIDSGIVKQER
DGPVEFQHPYFKQGQDDLLENIKRKVSSSK
;
B,D,F,H
3 'polydeoxyribonucleotide' (DG)(DG)(DT)(DT)(DC)(DT)(DA)(DG)(DA)(DA)(DT)(DA)(DT)(DT)(DC)(DA)(DC) C,E
#
# COMPACT_ATOMS: atom_id res chain seq x y z
N HIS B 1 9.31 38.53 -25.41
CA HIS B 1 10.27 38.80 -24.30
C HIS B 1 9.97 37.90 -23.08
N MET B 2 8.71 37.46 -22.98
CA MET B 2 8.30 36.47 -21.96
C MET B 2 8.52 35.05 -22.48
N PRO B 3 9.09 34.14 -21.64
CA PRO B 3 9.42 32.82 -22.15
C PRO B 3 8.22 32.12 -22.70
N ALA B 4 8.44 31.43 -23.81
CA ALA B 4 7.39 30.73 -24.54
C ALA B 4 6.58 29.79 -23.62
N PHE B 5 7.25 29.10 -22.70
CA PHE B 5 6.53 28.22 -21.82
C PHE B 5 5.42 28.96 -21.09
N LEU B 6 5.74 30.12 -20.52
CA LEU B 6 4.76 30.86 -19.72
C LEU B 6 3.61 31.40 -20.57
N SER B 7 3.92 31.98 -21.72
CA SER B 7 2.83 32.45 -22.59
C SER B 7 1.95 31.28 -23.08
N LYS B 8 2.55 30.12 -23.35
CA LYS B 8 1.77 28.95 -23.76
C LYS B 8 0.94 28.39 -22.59
N LEU B 9 1.49 28.39 -21.38
CA LEU B 9 0.76 27.90 -20.24
C LEU B 9 -0.46 28.76 -20.00
N TRP B 10 -0.28 30.08 -20.07
CA TRP B 10 -1.41 30.99 -19.82
C TRP B 10 -2.54 30.67 -20.83
N THR B 11 -2.16 30.65 -22.11
CA THR B 11 -3.10 30.39 -23.20
C THR B 11 -3.81 29.08 -22.93
N LEU B 12 -3.02 28.02 -22.71
CA LEU B 12 -3.58 26.70 -22.37
C LEU B 12 -4.69 26.73 -21.35
N VAL B 13 -4.31 27.25 -20.20
CA VAL B 13 -5.19 27.23 -19.07
C VAL B 13 -6.41 28.13 -19.32
N GLU B 14 -6.15 29.30 -19.91
CA GLU B 14 -7.20 30.31 -20.18
C GLU B 14 -8.22 29.86 -21.25
N GLU B 15 -7.71 29.21 -22.30
CA GLU B 15 -8.51 28.81 -23.48
C GLU B 15 -9.63 27.82 -23.13
N THR B 16 -10.87 28.22 -23.46
CA THR B 16 -12.07 27.47 -23.09
C THR B 16 -12.20 26.10 -23.74
N HIS B 17 -11.71 26.00 -24.97
CA HIS B 17 -11.73 24.75 -25.72
C HIS B 17 -10.82 23.65 -25.16
N THR B 18 -10.02 23.98 -24.13
CA THR B 18 -9.16 22.96 -23.49
C THR B 18 -9.64 22.63 -22.07
N ASN B 19 -10.75 23.22 -21.65
CA ASN B 19 -11.07 23.23 -20.22
C ASN B 19 -11.46 21.86 -19.71
N GLU B 20 -11.65 20.90 -20.61
CA GLU B 20 -12.01 19.57 -20.15
C GLU B 20 -10.76 18.91 -19.58
N PHE B 21 -9.63 19.32 -20.14
CA PHE B 21 -8.34 18.71 -19.79
C PHE B 21 -7.51 19.59 -18.85
N ILE B 22 -7.45 20.89 -19.15
CA ILE B 22 -6.73 21.80 -18.29
C ILE B 22 -7.50 23.12 -18.09
N THR B 23 -7.65 23.52 -16.83
CA THR B 23 -8.43 24.71 -16.49
C THR B 23 -8.09 25.40 -15.12
N TRP B 24 -8.56 26.64 -14.91
CA TRP B 24 -8.39 27.34 -13.62
C TRP B 24 -9.14 26.57 -12.55
N SER B 25 -8.58 26.54 -11.34
CA SER B 25 -9.26 25.96 -10.18
C SER B 25 -10.38 26.95 -9.82
N GLN B 26 -11.21 26.67 -8.84
CA GLN B 26 -12.45 27.40 -8.77
C GLN B 26 -12.27 28.86 -8.32
N ASN B 27 -11.15 29.20 -7.69
CA ASN B 27 -10.94 30.57 -7.19
C ASN B 27 -9.77 31.28 -7.84
N GLY B 28 -9.40 30.86 -9.05
CA GLY B 28 -8.32 31.48 -9.81
C GLY B 28 -6.90 31.40 -9.20
N GLN B 29 -6.68 30.60 -8.17
CA GLN B 29 -5.38 30.60 -7.45
C GLN B 29 -4.38 29.54 -7.96
N SER B 30 -4.82 28.68 -8.89
CA SER B 30 -4.04 27.52 -9.33
C SER B 30 -4.69 26.99 -10.61
N PHE B 31 -4.02 26.09 -11.34
CA PHE B 31 -4.66 25.46 -12.53
C PHE B 31 -4.72 23.97 -12.32
N LEU B 32 -5.66 23.30 -12.98
CA LEU B 32 -5.94 21.89 -12.78
C LEU B 32 -5.63 21.18 -14.07
N VAL B 33 -5.19 19.94 -13.98
CA VAL B 33 -5.14 19.08 -15.14
C VAL B 33 -6.07 17.97 -14.81
N LEU B 34 -7.20 17.93 -15.51
CA LEU B 34 -8.28 17.02 -15.14
C LEU B 34 -8.10 15.60 -15.68
N ASP B 35 -7.55 15.50 -16.89
CA ASP B 35 -7.36 14.20 -17.54
C ASP B 35 -5.93 14.13 -18.06
N GLU B 36 -5.03 13.74 -17.17
CA GLU B 36 -3.59 13.74 -17.45
C GLU B 36 -3.29 13.03 -18.78
N GLN B 37 -3.85 11.83 -18.99
CA GLN B 37 -3.50 11.06 -20.17
C GLN B 37 -4.03 11.71 -21.44
N ARG B 38 -5.27 12.13 -21.48
CA ARG B 38 -5.74 12.75 -22.72
C ARG B 38 -5.09 14.11 -22.89
N PHE B 39 -4.86 14.80 -21.78
CA PHE B 39 -4.10 16.04 -21.84
C PHE B 39 -2.76 15.83 -22.50
N ALA B 40 -1.99 14.85 -22.01
CA ALA B 40 -0.63 14.70 -22.50
C ALA B 40 -0.63 14.33 -24.00
N LYS B 41 -1.52 13.43 -24.44
CA LYS B 41 -1.39 12.94 -25.80
C LYS B 41 -2.07 13.82 -26.83
N GLU B 42 -3.13 14.52 -26.43
CA GLU B 42 -3.85 15.35 -27.39
C GLU B 42 -3.49 16.83 -27.27
N ILE B 43 -3.49 17.37 -26.05
CA ILE B 43 -3.25 18.81 -25.88
C ILE B 43 -1.78 19.22 -25.95
N LEU B 44 -0.92 18.58 -25.13
CA LEU B 44 0.49 18.98 -25.10
C LEU B 44 1.17 19.14 -26.48
N PRO B 45 0.99 18.17 -27.38
CA PRO B 45 1.72 18.29 -28.64
C PRO B 45 1.23 19.43 -29.54
N LYS B 46 0.08 20.00 -29.24
CA LYS B 46 -0.40 21.14 -30.01
C LYS B 46 0.31 22.46 -29.62
N TYR B 47 1.02 22.45 -28.49
CA TYR B 47 1.67 23.66 -27.96
C TYR B 47 3.14 23.49 -27.72
N PHE B 48 3.58 22.25 -27.53
CA PHE B 48 4.98 21.96 -27.27
C PHE B 48 5.49 20.85 -28.23
N LYS B 49 6.81 20.64 -28.22
CA LYS B 49 7.40 19.65 -29.10
C LYS B 49 7.46 18.31 -28.43
N HIS B 50 6.45 17.97 -27.66
CA HIS B 50 6.37 16.66 -27.03
C HIS B 50 4.97 16.34 -26.59
N ASN B 51 4.80 15.12 -26.11
CA ASN B 51 3.51 14.68 -25.55
C ASN B 51 3.74 13.99 -24.21
N ASN B 52 4.72 14.49 -23.48
CA ASN B 52 5.05 13.94 -22.18
C ASN B 52 4.74 14.84 -21.00
N MET B 53 3.87 14.31 -20.18
CA MET B 53 3.46 14.99 -18.98
C MET B 53 4.67 15.22 -18.15
N ALA B 54 5.66 14.32 -18.22
CA ALA B 54 6.82 14.51 -17.35
C ALA B 54 7.55 15.75 -17.76
N SER B 55 7.56 16.05 -19.06
CA SER B 55 8.37 17.15 -19.57
C SER B 55 7.62 18.45 -19.31
N PHE B 56 6.28 18.37 -19.28
CA PHE B 56 5.49 19.50 -18.86
C PHE B 56 5.72 19.77 -17.37
N VAL B 57 5.74 18.74 -16.55
CA VAL B 57 5.94 18.97 -15.12
C VAL B 57 7.33 19.47 -14.86
N ARG B 58 8.28 19.07 -15.68
CA ARG B 58 9.64 19.51 -15.42
C ARG B 58 9.72 21.05 -15.52
N GLN B 59 9.12 21.56 -16.60
CA GLN B 59 9.06 22.97 -16.88
C GLN B 59 8.34 23.70 -15.77
N LEU B 60 7.20 23.16 -15.33
CA LEU B 60 6.47 23.80 -14.24
C LEU B 60 7.38 24.02 -13.03
N ASN B 61 8.11 22.97 -12.62
CA ASN B 61 8.94 23.10 -11.43
C ASN B 61 10.09 24.03 -11.74
N MET B 62 10.58 23.98 -12.97
CA MET B 62 11.65 24.86 -13.41
C MET B 62 11.30 26.34 -13.22
N TYR B 63 10.06 26.73 -13.49
CA TYR B 63 9.61 28.09 -13.28
C TYR B 63 9.04 28.33 -11.91
N GLY B 64 9.20 27.34 -11.05
CA GLY B 64 8.86 27.46 -9.64
C GLY B 64 7.43 27.12 -9.35
N PHE B 65 6.71 26.55 -10.31
CA PHE B 65 5.36 26.06 -9.93
C PHE B 65 5.55 24.95 -8.89
N ARG B 66 4.55 24.79 -8.00
CA ARG B 66 4.51 23.67 -7.04
C ARG B 66 3.18 22.90 -7.12
N LYS B 67 3.26 21.59 -6.99
CA LYS B 67 2.06 20.79 -6.95
C LYS B 67 1.35 20.98 -5.62
N VAL B 68 0.04 21.19 -5.73
CA VAL B 68 -0.84 21.22 -4.58
C VAL B 68 -1.26 19.83 -4.23
N VAL B 69 -0.99 19.39 -3.00
CA VAL B 69 -1.24 18.00 -2.64
C VAL B 69 -2.60 17.91 -2.00
N HIS B 70 -3.32 16.83 -2.32
CA HIS B 70 -4.69 16.65 -1.81
C HIS B 70 -4.88 15.42 -0.91
N ILE B 71 -3.97 14.44 -1.01
CA ILE B 71 -4.02 13.18 -0.23
C ILE B 71 -5.41 12.56 -0.28
N ASP B 72 -5.70 11.67 0.68
CA ASP B 72 -7.00 11.01 0.75
C ASP B 72 -7.71 11.36 2.06
N SER B 73 -6.93 11.45 3.14
CA SER B 73 -7.41 11.77 4.50
C SER B 73 -8.55 10.85 4.99
N GLY B 74 -8.98 9.90 4.16
CA GLY B 74 -10.12 9.05 4.46
C GLY B 74 -10.14 7.79 3.62
N ILE B 75 -11.32 7.43 3.11
CA ILE B 75 -11.46 6.28 2.23
C ILE B 75 -10.44 6.42 1.10
N VAL B 76 -9.97 5.30 0.54
CA VAL B 76 -9.03 5.36 -0.56
C VAL B 76 -9.67 4.86 -1.88
N LYS B 77 -9.50 5.64 -2.95
CA LYS B 77 -9.94 5.33 -4.32
C LYS B 77 -8.77 5.75 -5.24
N GLN B 78 -8.02 4.84 -5.90
CA GLN B 78 -8.24 3.39 -6.11
C GLN B 78 -9.36 3.13 -7.15
N GLU B 79 -10.32 4.05 -7.28
CA GLU B 79 -11.27 4.01 -8.39
C GLU B 79 -11.29 5.34 -9.17
N ARG B 80 -10.56 6.33 -8.67
CA ARG B 80 -10.36 7.59 -9.41
C ARG B 80 -8.96 8.21 -9.17
N ASP B 81 -8.36 8.67 -10.26
CA ASP B 81 -7.04 9.31 -10.25
C ASP B 81 -7.14 10.81 -10.08
N GLY B 82 -6.05 11.41 -9.62
CA GLY B 82 -5.91 12.86 -9.58
C GLY B 82 -7.10 13.58 -8.96
N PRO B 83 -7.57 14.67 -9.62
CA PRO B 83 -6.78 15.45 -10.58
C PRO B 83 -5.55 16.16 -9.96
N VAL B 84 -4.83 16.79 -10.87
CA VAL B 84 -3.51 17.29 -10.63
C VAL B 84 -3.66 18.78 -10.56
N GLU B 85 -3.10 19.36 -9.51
CA GLU B 85 -3.12 20.80 -9.31
C GLU B 85 -1.73 21.39 -9.12
N PHE B 86 -1.46 22.48 -9.84
CA PHE B 86 -0.27 23.29 -9.68
C PHE B 86 -0.52 24.72 -9.39
N GLN B 87 0.32 25.28 -8.54
CA GLN B 87 0.23 26.69 -8.17
C GLN B 87 1.56 27.47 -8.23
N HIS B 88 1.48 28.75 -8.63
CA HIS B 88 2.57 29.73 -8.49
C HIS B 88 1.99 31.05 -7.96
N PRO B 89 2.69 31.73 -7.01
CA PRO B 89 2.10 33.00 -6.54
C PRO B 89 1.80 34.01 -7.65
N TYR B 90 2.51 33.97 -8.77
CA TYR B 90 2.31 34.96 -9.84
C TYR B 90 1.63 34.45 -11.14
N PHE B 91 0.87 33.35 -11.02
CA PHE B 91 0.13 32.72 -12.10
C PHE B 91 -1.27 32.68 -11.59
N LYS B 92 -2.07 33.70 -11.92
CA LYS B 92 -3.36 33.93 -11.23
C LYS B 92 -4.42 34.43 -12.21
N GLN B 93 -5.59 33.82 -12.17
CA GLN B 93 -6.63 34.13 -13.14
C GLN B 93 -7.00 35.63 -13.08
N GLY B 94 -7.12 36.26 -14.24
CA GLY B 94 -7.45 37.68 -14.34
C GLY B 94 -6.39 38.54 -13.68
N GLN B 95 -5.14 38.05 -13.68
CA GLN B 95 -4.01 38.92 -13.35
C GLN B 95 -2.79 38.64 -14.21
N ASP B 96 -2.92 38.67 -15.52
CA ASP B 96 -1.81 38.32 -16.41
C ASP B 96 -0.60 39.27 -16.28
N ASP B 97 -0.81 40.46 -15.73
CA ASP B 97 0.30 41.34 -15.45
C ASP B 97 1.36 40.75 -14.46
N LEU B 98 0.95 39.78 -13.63
CA LEU B 98 1.86 39.14 -12.69
C LEU B 98 2.84 38.19 -13.36
N LEU B 99 2.54 37.78 -14.60
CA LEU B 99 3.32 36.73 -15.24
C LEU B 99 4.77 37.11 -15.41
N GLU B 100 5.05 38.41 -15.45
CA GLU B 100 6.39 38.87 -15.78
C GLU B 100 7.32 38.67 -14.58
N ASN B 101 6.72 38.41 -13.42
CA ASN B 101 7.45 38.15 -12.19
C ASN B 101 7.91 36.68 -12.09
N ILE B 102 7.34 35.83 -12.93
CA ILE B 102 7.73 34.42 -12.93
C ILE B 102 9.10 34.30 -13.60
N LYS B 103 10.02 33.60 -12.94
CA LYS B 103 11.43 33.48 -13.42
C LYS B 103 11.92 32.02 -13.51
N ARG B 104 12.52 31.64 -14.64
CA ARG B 104 13.15 30.34 -14.79
C ARG B 104 14.23 30.15 -13.73
N LYS B 105 14.50 28.92 -13.28
CA LYS B 105 15.26 28.75 -12.05
C LYS B 105 16.81 28.97 -12.15
N VAL B 106 17.49 28.38 -13.13
CA VAL B 106 18.98 28.42 -13.15
C VAL B 106 19.48 29.35 -14.23
N HIS D 1 18.14 -12.62 0.07
CA HIS D 1 16.70 -12.22 0.06
C HIS D 1 16.49 -10.98 -0.81
N MET D 2 15.53 -11.06 -1.72
CA MET D 2 15.50 -10.19 -2.89
C MET D 2 14.46 -9.09 -2.79
N PRO D 3 14.84 -7.88 -3.23
CA PRO D 3 13.91 -6.74 -3.14
C PRO D 3 12.61 -6.99 -3.90
N ALA D 4 11.51 -6.59 -3.26
CA ALA D 4 10.19 -6.78 -3.82
C ALA D 4 10.13 -6.34 -5.27
N PHE D 5 10.74 -5.18 -5.52
CA PHE D 5 10.69 -4.64 -6.85
C PHE D 5 11.35 -5.53 -7.88
N LEU D 6 12.48 -6.13 -7.54
CA LEU D 6 13.17 -6.90 -8.57
C LEU D 6 12.45 -8.20 -8.90
N SER D 7 11.90 -8.83 -7.89
CA SER D 7 11.18 -10.06 -8.12
C SER D 7 9.84 -9.76 -8.78
N LYS D 8 9.23 -8.63 -8.45
CA LYS D 8 8.01 -8.22 -9.14
C LYS D 8 8.28 -7.85 -10.61
N LEU D 9 9.36 -7.12 -10.88
CA LEU D 9 9.71 -6.75 -12.25
C LEU D 9 9.94 -8.02 -13.05
N TRP D 10 10.66 -8.94 -12.44
CA TRP D 10 11.01 -10.18 -13.13
C TRP D 10 9.70 -10.89 -13.47
N THR D 11 8.80 -10.97 -12.53
CA THR D 11 7.49 -11.58 -12.81
C THR D 11 6.78 -10.88 -13.96
N LEU D 12 6.73 -9.55 -13.92
CA LEU D 12 6.02 -8.79 -14.95
C LEU D 12 6.55 -9.06 -16.32
N VAL D 13 7.85 -8.95 -16.48
CA VAL D 13 8.38 -9.06 -17.82
C VAL D 13 8.16 -10.48 -18.34
N GLU D 14 8.31 -11.44 -17.43
CA GLU D 14 8.41 -12.88 -17.79
C GLU D 14 7.00 -13.46 -18.16
N GLU D 15 5.97 -13.02 -17.41
CA GLU D 15 4.57 -13.47 -17.55
C GLU D 15 3.92 -13.22 -18.91
N THR D 16 3.58 -14.30 -19.61
CA THR D 16 3.01 -14.19 -20.95
C THR D 16 1.72 -13.39 -21.01
N HIS D 17 0.91 -13.50 -19.97
CA HIS D 17 -0.33 -12.76 -19.94
C HIS D 17 -0.16 -11.23 -19.96
N THR D 18 1.06 -10.71 -19.76
CA THR D 18 1.24 -9.25 -19.68
C THR D 18 1.92 -8.70 -20.91
N ASN D 19 2.37 -9.58 -21.79
CA ASN D 19 3.25 -9.20 -22.89
C ASN D 19 2.69 -8.20 -23.86
N GLU D 20 1.40 -7.94 -23.78
CA GLU D 20 0.86 -6.89 -24.64
C GLU D 20 1.47 -5.56 -24.15
N PHE D 21 1.79 -5.50 -22.88
CA PHE D 21 2.21 -4.27 -22.26
C PHE D 21 3.71 -4.24 -21.90
N ILE D 22 4.20 -5.33 -21.33
CA ILE D 22 5.58 -5.44 -20.90
C ILE D 22 6.14 -6.82 -21.21
N THR D 23 7.25 -6.84 -21.94
CA THR D 23 7.85 -8.08 -22.41
C THR D 23 9.37 -8.01 -22.63
N TRP D 24 10.06 -9.15 -22.67
CA TRP D 24 11.48 -9.15 -23.09
C TRP D 24 11.54 -8.60 -24.47
N SER D 25 12.60 -7.84 -24.77
CA SER D 25 12.97 -7.43 -26.12
C SER D 25 13.47 -8.66 -26.90
N GLN D 26 13.80 -8.52 -28.18
CA GLN D 26 13.87 -9.75 -28.97
C GLN D 26 15.05 -10.67 -28.63
N ASN D 27 16.10 -10.13 -28.06
CA ASN D 27 17.29 -10.95 -27.79
C ASN D 27 17.59 -11.09 -26.29
N GLY D 28 16.57 -10.78 -25.51
CA GLY D 28 16.57 -11.05 -24.09
C GLY D 28 17.48 -10.14 -23.26
N GLN D 29 17.97 -9.06 -23.84
CA GLN D 29 18.95 -8.20 -23.16
C GLN D 29 18.36 -6.97 -22.41
N SER D 30 17.05 -6.79 -22.50
CA SER D 30 16.33 -5.61 -22.01
C SER D 30 14.83 -5.95 -21.99
N PHE D 31 13.97 -5.11 -21.42
CA PHE D 31 12.55 -5.36 -21.57
C PHE D 31 11.92 -4.14 -22.18
N LEU D 32 10.72 -4.33 -22.69
CA LEU D 32 10.01 -3.30 -23.38
C LEU D 32 8.73 -3.04 -22.63
N VAL D 33 8.28 -1.79 -22.64
CA VAL D 33 6.94 -1.43 -22.19
C VAL D 33 6.26 -0.94 -23.45
N LEU D 34 5.32 -1.72 -23.98
CA LEU D 34 4.79 -1.42 -25.33
C LEU D 34 3.68 -0.36 -25.36
N ASP D 35 2.88 -0.33 -24.31
CA ASP D 35 1.72 0.63 -24.18
C ASP D 35 1.81 1.27 -22.80
N GLU D 36 2.59 2.35 -22.69
CA GLU D 36 2.88 2.95 -21.38
C GLU D 36 1.54 3.25 -20.61
N GLN D 37 0.55 3.80 -21.29
CA GLN D 37 -0.66 4.21 -20.57
C GLN D 37 -1.48 3.04 -20.08
N ARG D 38 -1.72 2.01 -20.88
CA ARG D 38 -2.46 0.91 -20.30
C ARG D 38 -1.58 0.13 -19.33
N PHE D 39 -0.28 0.04 -19.63
CA PHE D 39 0.60 -0.67 -18.68
C PHE D 39 0.42 -0.01 -17.31
N ALA D 40 0.51 1.31 -17.28
CA ALA D 40 0.49 1.98 -16.01
C ALA D 40 -0.87 1.89 -15.33
N LYS D 41 -1.97 1.96 -16.10
CA LYS D 41 -3.30 2.08 -15.50
C LYS D 41 -3.79 0.75 -14.99
N GLU D 42 -3.47 -0.29 -15.76
CA GLU D 42 -4.06 -1.60 -15.55
C GLU D 42 -3.11 -2.63 -14.95
N ILE D 43 -1.84 -2.57 -15.34
CA ILE D 43 -0.90 -3.55 -14.85
C ILE D 43 -0.18 -3.11 -13.56
N LEU D 44 0.35 -1.89 -13.53
CA LEU D 44 1.20 -1.49 -12.41
C LEU D 44 0.51 -1.68 -11.06
N PRO D 45 -0.78 -1.26 -10.94
CA PRO D 45 -1.42 -1.43 -9.63
C PRO D 45 -1.69 -2.87 -9.25
N LYS D 46 -1.70 -3.80 -10.20
CA LYS D 46 -1.80 -5.20 -9.83
C LYS D 46 -0.61 -5.67 -9.01
N TYR D 47 0.55 -4.98 -9.14
CA TYR D 47 1.79 -5.41 -8.47
C TYR D 47 2.34 -4.39 -7.48
N PHE D 48 2.01 -3.11 -7.66
CA PHE D 48 2.57 -2.05 -6.79
C PHE D 48 1.46 -1.19 -6.19
N LYS D 49 1.81 -0.30 -5.28
CA LYS D 49 0.79 0.48 -4.60
C LYS D 49 0.53 1.74 -5.32
N HIS D 50 0.72 1.73 -6.63
CA HIS D 50 0.48 2.94 -7.42
C HIS D 50 0.17 2.61 -8.86
N ASN D 51 -0.19 3.61 -9.63
CA ASN D 51 -0.39 3.45 -11.06
C ASN D 51 0.34 4.48 -11.88
N ASN D 52 1.51 4.92 -11.41
CA ASN D 52 2.29 5.94 -12.12
C ASN D 52 3.56 5.40 -12.80
N MET D 53 3.62 5.60 -14.11
CA MET D 53 4.77 5.18 -14.85
C MET D 53 5.99 5.79 -14.22
N ALA D 54 5.83 7.00 -13.74
CA ALA D 54 6.96 7.74 -13.20
C ALA D 54 7.59 7.10 -11.96
N SER D 55 6.71 6.51 -11.15
CA SER D 55 7.11 5.91 -9.90
C SER D 55 7.75 4.58 -10.21
N PHE D 56 7.25 3.89 -11.23
CA PHE D 56 7.90 2.71 -11.76
C PHE D 56 9.29 3.05 -12.30
N VAL D 57 9.44 4.15 -13.03
CA VAL D 57 10.69 4.52 -13.67
C VAL D 57 11.71 4.98 -12.61
N ARG D 58 11.23 5.64 -11.57
CA ARG D 58 12.14 5.97 -10.45
C ARG D 58 12.76 4.73 -9.84
N GLN D 59 11.94 3.69 -9.67
CA GLN D 59 12.45 2.44 -9.15
C GLN D 59 13.42 1.84 -10.16
N LEU D 60 13.09 1.85 -11.43
CA LEU D 60 14.04 1.27 -12.39
C LEU D 60 15.41 1.94 -12.24
N ASN D 61 15.45 3.27 -12.21
CA ASN D 61 16.73 3.96 -12.09
C ASN D 61 17.45 3.75 -10.75
N MET D 62 16.65 3.59 -9.70
CA MET D 62 17.14 3.34 -8.36
C MET D 62 17.94 2.06 -8.30
N TYR D 63 17.58 1.12 -9.18
CA TYR D 63 18.22 -0.19 -9.18
C TYR D 63 19.24 -0.30 -10.29
N GLY D 64 19.52 0.85 -10.89
CA GLY D 64 20.54 0.97 -11.91
C GLY D 64 20.09 0.59 -13.30
N PHE D 65 18.78 0.49 -13.55
CA PHE D 65 18.34 0.25 -14.94
C PHE D 65 18.56 1.52 -15.74
N ARG D 66 18.79 1.40 -17.03
CA ARG D 66 18.98 2.57 -17.88
C ARG D 66 18.14 2.44 -19.12
N LYS D 67 17.48 3.54 -19.47
CA LYS D 67 16.69 3.60 -20.68
C LYS D 67 17.54 3.50 -21.94
N VAL D 68 17.10 2.70 -22.90
CA VAL D 68 17.80 2.52 -24.17
C VAL D 68 17.26 3.50 -25.16
N VAL D 69 18.15 4.28 -25.76
CA VAL D 69 17.81 5.46 -26.55
C VAL D 69 16.89 5.31 -27.76
N HIS D 70 17.24 4.42 -28.68
CA HIS D 70 16.53 4.25 -29.96
C HIS D 70 16.73 5.45 -30.87
N ILE D 71 17.46 5.23 -31.96
CA ILE D 71 17.73 6.28 -32.95
C ILE D 71 16.61 6.31 -34.01
N ASP D 81 5.28 7.65 -30.69
CA ASP D 81 6.14 7.42 -29.53
C ASP D 81 6.85 6.07 -29.59
N GLY D 82 8.13 6.08 -29.95
CA GLY D 82 8.93 4.87 -30.04
C GLY D 82 8.91 4.16 -28.68
N PRO D 83 8.30 2.94 -28.59
CA PRO D 83 8.19 2.24 -27.30
C PRO D 83 9.43 2.35 -26.41
N VAL D 84 9.15 2.03 -25.17
CA VAL D 84 10.05 2.30 -24.08
C VAL D 84 10.84 1.03 -23.83
N GLU D 85 12.14 1.18 -23.62
CA GLU D 85 13.03 0.05 -23.35
C GLU D 85 14.01 0.34 -22.21
N PHE D 86 14.15 -0.59 -21.27
CA PHE D 86 15.15 -0.49 -20.20
C PHE D 86 16.13 -1.67 -20.08
N GLN D 87 17.33 -1.39 -19.66
CA GLN D 87 18.39 -2.38 -19.62
CA GLN D 87 18.38 -2.38 -19.63
C GLN D 87 19.14 -2.34 -18.31
N HIS D 88 19.47 -3.51 -17.81
CA HIS D 88 20.41 -3.70 -16.69
C HIS D 88 21.30 -4.90 -17.05
N PRO D 89 22.65 -4.76 -17.02
CA PRO D 89 23.51 -5.93 -17.38
C PRO D 89 23.11 -7.26 -16.75
N TYR D 90 22.62 -7.23 -15.51
CA TYR D 90 22.21 -8.41 -14.76
C TYR D 90 20.69 -8.72 -14.75
N PHE D 91 19.92 -8.12 -15.67
CA PHE D 91 18.49 -8.40 -15.79
C PHE D 91 18.32 -8.97 -17.19
N LYS D 92 18.44 -10.30 -17.32
CA LYS D 92 18.60 -10.90 -18.64
C LYS D 92 17.71 -12.11 -18.77
N GLN D 93 17.10 -12.28 -19.93
CA GLN D 93 16.16 -13.39 -20.11
C GLN D 93 16.91 -14.71 -19.98
N GLY D 94 16.42 -15.61 -19.12
CA GLY D 94 16.98 -16.93 -19.00
C GLY D 94 18.23 -16.95 -18.14
N GLN D 95 18.50 -15.82 -17.46
CA GLN D 95 19.60 -15.78 -16.52
C GLN D 95 19.12 -15.22 -15.22
N ASP D 96 18.12 -15.85 -14.61
CA ASP D 96 17.52 -15.35 -13.37
C ASP D 96 18.48 -15.40 -12.17
N ASP D 97 19.51 -16.22 -12.31
CA ASP D 97 20.54 -16.29 -11.31
C ASP D 97 21.24 -14.92 -11.15
N LEU D 98 21.24 -14.13 -12.21
CA LEU D 98 21.99 -12.87 -12.20
C LEU D 98 21.30 -11.78 -11.39
N LEU D 99 20.06 -12.01 -11.00
CA LEU D 99 19.30 -10.96 -10.40
C LEU D 99 19.87 -10.51 -9.08
N GLU D 100 20.58 -11.41 -8.39
CA GLU D 100 21.04 -11.15 -7.01
C GLU D 100 22.15 -10.09 -7.01
N ASN D 101 22.74 -9.90 -8.17
CA ASN D 101 23.76 -8.92 -8.37
C ASN D 101 23.23 -7.51 -8.52
N ILE D 102 21.92 -7.35 -8.72
CA ILE D 102 21.37 -6.01 -8.86
C ILE D 102 21.20 -5.38 -7.49
N LYS D 103 21.70 -4.15 -7.35
CA LYS D 103 21.70 -3.48 -6.06
C LYS D 103 20.97 -2.12 -6.07
N ARG D 104 20.15 -1.88 -5.06
CA ARG D 104 19.55 -0.57 -4.86
C ARG D 104 20.69 0.45 -4.75
N LYS D 105 20.48 1.72 -5.09
CA LYS D 105 21.63 2.63 -5.17
C LYS D 105 21.97 3.36 -3.86
N VAL D 106 20.98 3.73 -3.06
CA VAL D 106 21.27 4.37 -1.78
C VAL D 106 20.18 4.04 -0.77
N HIS F 1 0.13 19.83 10.03
CA HIS F 1 -0.41 18.71 9.21
C HIS F 1 -0.62 17.46 10.08
N MET F 2 -1.65 16.66 9.75
CA MET F 2 -2.14 15.61 10.64
C MET F 2 -1.93 14.21 10.08
N PRO F 3 -1.60 13.26 10.97
CA PRO F 3 -1.28 11.90 10.50
C PRO F 3 -2.43 11.19 9.83
N ALA F 4 -2.12 10.45 8.77
CA ALA F 4 -3.10 9.74 7.98
C ALA F 4 -3.97 8.87 8.88
N PHE F 5 -3.31 8.16 9.79
CA PHE F 5 -4.03 7.23 10.60
C PHE F 5 -5.12 7.93 11.40
N LEU F 6 -4.81 9.13 11.88
CA LEU F 6 -5.72 9.83 12.75
C LEU F 6 -6.91 10.36 11.97
N SER F 7 -6.57 10.97 10.85
CA SER F 7 -7.52 11.42 9.84
C SER F 7 -8.47 10.30 9.43
N LYS F 8 -7.91 9.11 9.22
CA LYS F 8 -8.69 7.95 8.80
C LYS F 8 -9.50 7.39 9.95
N LEU F 9 -8.95 7.39 11.15
CA LEU F 9 -9.66 6.84 12.29
C LEU F 9 -10.91 7.65 12.52
N TRP F 10 -10.76 8.97 12.49
CA TRP F 10 -11.86 9.89 12.81
C TRP F 10 -12.97 9.63 11.79
N THR F 11 -12.61 9.46 10.54
CA THR F 11 -13.56 9.20 9.46
C THR F 11 -14.31 7.91 9.71
N LEU F 12 -13.57 6.84 9.98
CA LEU F 12 -14.18 5.56 10.38
C LEU F 12 -15.22 5.66 11.48
N VAL F 13 -14.84 6.24 12.60
CA VAL F 13 -15.77 6.29 13.70
C VAL F 13 -16.99 7.18 13.34
N GLU F 14 -16.73 8.30 12.65
CA GLU F 14 -17.79 9.29 12.35
C GLU F 14 -18.87 8.83 11.34
N GLU F 15 -18.41 8.14 10.29
CA GLU F 15 -19.22 7.69 9.17
C GLU F 15 -20.34 6.71 9.55
N THR F 16 -21.57 7.22 9.53
CA THR F 16 -22.76 6.46 9.92
C THR F 16 -22.87 5.13 9.14
N HIS F 17 -22.39 5.15 7.90
CA HIS F 17 -22.41 3.97 7.04
C HIS F 17 -21.55 2.81 7.59
N THR F 18 -20.67 3.09 8.56
CA THR F 18 -19.81 2.04 9.14
C THR F 18 -20.24 1.65 10.53
N ASN F 19 -21.21 2.35 11.11
CA ASN F 19 -21.57 2.18 12.50
C ASN F 19 -21.92 0.75 12.94
N GLU F 20 -22.18 -0.15 11.99
CA GLU F 20 -22.41 -1.51 12.38
C GLU F 20 -21.11 -2.12 12.90
N PHE F 21 -19.99 -1.60 12.42
CA PHE F 21 -18.69 -2.19 12.72
C PHE F 21 -17.87 -1.31 13.66
N ILE F 22 -17.93 0.01 13.45
CA ILE F 22 -17.17 0.94 14.27
C ILE F 22 -17.90 2.25 14.45
N THR F 23 -18.11 2.62 15.72
CA THR F 23 -18.87 3.80 16.05
C THR F 23 -18.47 4.46 17.37
N TRP F 24 -18.93 5.69 17.62
CA TRP F 24 -18.73 6.33 18.92
C TRP F 24 -19.46 5.52 19.96
N SER F 25 -18.94 5.49 21.18
CA SER F 25 -19.67 4.93 22.30
C SER F 25 -20.73 5.93 22.74
N GLN F 26 -21.52 5.60 23.74
CA GLN F 26 -22.75 6.35 23.90
C GLN F 26 -22.55 7.78 24.43
N ASN F 27 -21.36 8.11 24.96
CA ASN F 27 -21.16 9.44 25.56
C ASN F 27 -20.05 10.20 24.88
N GLY F 28 -19.66 9.73 23.70
CA GLY F 28 -18.67 10.37 22.85
C GLY F 28 -17.24 10.31 23.39
N GLN F 29 -16.97 9.50 24.41
CA GLN F 29 -15.63 9.50 25.05
C GLN F 29 -14.67 8.44 24.54
N SER F 30 -15.14 7.60 23.63
CA SER F 30 -14.35 6.51 23.09
C SER F 30 -15.01 6.01 21.82
N PHE F 31 -14.40 5.05 21.15
CA PHE F 31 -15.10 4.40 20.05
C PHE F 31 -15.14 2.90 20.30
N LEU F 32 -16.10 2.26 19.64
CA LEU F 32 -16.36 0.85 19.78
C LEU F 32 -16.08 0.17 18.46
N VAL F 33 -15.56 -1.05 18.50
CA VAL F 33 -15.50 -1.93 17.34
C VAL F 33 -16.43 -3.09 17.70
N LEU F 34 -17.58 -3.19 17.03
CA LEU F 34 -18.64 -4.11 17.48
C LEU F 34 -18.51 -5.51 16.87
N ASP F 35 -17.91 -5.58 15.69
CA ASP F 35 -17.77 -6.83 14.94
C ASP F 35 -16.33 -6.87 14.42
N GLU F 36 -15.46 -7.43 15.24
CA GLU F 36 -14.03 -7.40 14.97
C GLU F 36 -13.71 -8.01 13.61
N GLN F 37 -14.21 -9.24 13.38
CA GLN F 37 -13.88 -9.97 12.16
C GLN F 37 -14.38 -9.23 10.92
N ARG F 38 -15.62 -8.77 10.91
CA ARG F 38 -16.09 -8.16 9.67
C ARG F 38 -15.46 -6.78 9.53
N PHE F 39 -15.25 -6.09 10.65
CA PHE F 39 -14.54 -4.81 10.57
C PHE F 39 -13.18 -5.02 9.89
N ALA F 40 -12.41 -5.99 10.37
CA ALA F 40 -11.07 -6.18 9.85
C ALA F 40 -11.08 -6.60 8.39
N LYS F 41 -11.98 -7.51 8.02
CA LYS F 41 -11.87 -8.07 6.68
C LYS F 41 -12.60 -7.21 5.66
N GLU F 42 -13.63 -6.46 6.05
CA GLU F 42 -14.37 -5.66 5.07
C GLU F 42 -14.05 -4.16 5.10
N ILE F 43 -13.90 -3.60 6.30
CA ILE F 43 -13.67 -2.15 6.46
C ILE F 43 -12.19 -1.74 6.42
N LEU F 44 -11.34 -2.41 7.20
CA LEU F 44 -9.94 -1.97 7.29
C LEU F 44 -9.28 -1.77 5.92
N PRO F 45 -9.46 -2.74 4.99
CA PRO F 45 -8.74 -2.59 3.72
C PRO F 45 -9.24 -1.44 2.85
N LYS F 46 -10.41 -0.88 3.15
CA LYS F 46 -10.90 0.24 2.38
C LYS F 46 -10.20 1.54 2.77
N TYR F 47 -9.41 1.50 3.84
CA TYR F 47 -8.75 2.71 4.39
C TYR F 47 -7.26 2.50 4.57
N PHE F 48 -6.84 1.27 4.89
CA PHE F 48 -5.43 0.98 5.14
C PHE F 48 -4.96 -0.10 4.18
N LYS F 49 -3.67 -0.38 4.22
CA LYS F 49 -3.06 -1.35 3.31
C LYS F 49 -2.99 -2.71 3.95
N HIS F 50 -4.02 -3.05 4.72
CA HIS F 50 -4.07 -4.33 5.40
C HIS F 50 -5.47 -4.58 5.86
N ASN F 51 -5.74 -5.82 6.21
CA ASN F 51 -6.99 -6.25 6.83
C ASN F 51 -6.76 -6.90 8.20
N ASN F 52 -5.72 -6.46 8.89
CA ASN F 52 -5.44 -7.02 10.23
C ASN F 52 -5.77 -6.08 11.37
N MET F 53 -6.66 -6.61 12.21
CA MET F 53 -6.99 -5.97 13.43
C MET F 53 -5.71 -5.69 14.22
N ALA F 54 -4.73 -6.57 14.10
CA ALA F 54 -3.57 -6.44 14.96
C ALA F 54 -2.74 -5.21 14.59
N SER F 55 -2.78 -4.89 13.31
CA SER F 55 -2.01 -3.78 12.78
C SER F 55 -2.78 -2.52 13.05
N PHE F 56 -4.10 -2.58 12.99
CA PHE F 56 -4.94 -1.48 13.42
C PHE F 56 -4.68 -1.17 14.91
N VAL F 57 -4.68 -2.19 15.76
CA VAL F 57 -4.48 -1.98 17.22
C VAL F 57 -3.07 -1.56 17.53
N ARG F 58 -2.12 -1.92 16.69
CA ARG F 58 -0.75 -1.41 16.89
C ARG F 58 -0.69 0.09 16.72
N GLN F 59 -1.38 0.58 15.72
CA GLN F 59 -1.39 2.01 15.45
C GLN F 59 -2.14 2.74 16.56
N LEU F 60 -3.26 2.18 17.00
CA LEU F 60 -3.98 2.78 18.11
C LEU F 60 -3.04 2.99 19.27
N ASN F 61 -2.29 1.93 19.63
CA ASN F 61 -1.40 2.04 20.78
C ASN F 61 -0.27 3.04 20.53
N MET F 62 0.29 3.01 19.32
CA MET F 62 1.32 3.94 18.86
C MET F 62 0.96 5.43 19.10
N TYR F 63 -0.32 5.76 18.94
CA TYR F 63 -0.82 7.15 19.14
C TYR F 63 -1.41 7.38 20.53
N GLY F 64 -1.28 6.36 21.36
CA GLY F 64 -1.55 6.45 22.79
C GLY F 64 -2.99 6.14 23.14
N PHE F 65 -3.72 5.53 22.19
CA PHE F 65 -5.04 5.03 22.54
C PHE F 65 -4.79 3.94 23.49
N ARG F 66 -5.76 3.73 24.38
CA ARG F 66 -5.69 2.64 25.32
C ARG F 66 -7.01 1.88 25.31
N LYS F 67 -6.94 0.57 25.48
CA LYS F 67 -8.16 -0.20 25.46
C LYS F 67 -8.94 -0.01 26.77
N VAL F 68 -10.25 0.03 26.67
CA VAL F 68 -11.12 0.22 27.83
C VAL F 68 -11.58 -1.13 28.28
N VAL F 69 -11.26 -1.46 29.53
CA VAL F 69 -11.27 -2.83 30.04
C VAL F 69 -12.58 -3.61 30.06
N HIS F 70 -13.70 -2.90 30.23
CA HIS F 70 -15.01 -3.55 30.26
C HIS F 70 -15.13 -4.42 31.51
N ILE F 71 -16.26 -5.09 31.64
CA ILE F 71 -16.55 -5.94 32.79
C ILE F 71 -16.55 -7.43 32.32
N ASP F 72 -16.85 -8.40 33.17
CA ASP F 72 -17.10 -8.24 34.61
C ASP F 72 -15.97 -7.50 35.36
N ASP F 81 -18.22 -11.99 22.81
CA ASP F 81 -16.77 -12.04 22.99
C ASP F 81 -16.23 -10.88 23.87
N GLY F 82 -16.60 -9.63 23.54
CA GLY F 82 -17.42 -9.27 22.37
C GLY F 82 -16.95 -7.93 21.76
N PRO F 83 -17.51 -6.80 22.24
CA PRO F 83 -17.17 -5.50 21.64
C PRO F 83 -15.97 -4.85 22.35
N VAL F 84 -15.10 -4.36 21.48
CA VAL F 84 -13.85 -3.77 21.82
C VAL F 84 -14.03 -2.29 21.90
N GLU F 85 -13.37 -1.68 22.86
CA GLU F 85 -13.43 -0.24 23.03
C GLU F 85 -12.08 0.42 23.29
N PHE F 86 -11.82 1.54 22.62
CA PHE F 86 -10.57 2.26 22.78
C PHE F 86 -10.76 3.73 23.06
N GLN F 87 -9.91 4.29 23.91
CA GLN F 87 -9.98 5.72 24.16
C GLN F 87 -8.66 6.48 24.15
N HIS F 88 -8.80 7.76 23.81
CA HIS F 88 -7.77 8.75 23.87
C HIS F 88 -8.39 10.04 24.43
N PRO F 89 -7.72 10.68 25.42
CA PRO F 89 -8.25 11.94 25.97
C PRO F 89 -8.61 12.97 24.89
N TYR F 90 -7.87 13.02 23.78
CA TYR F 90 -8.12 13.96 22.70
C TYR F 90 -8.78 13.39 21.44
N PHE F 91 -9.50 12.27 21.58
CA PHE F 91 -10.30 11.71 20.49
C PHE F 91 -11.73 11.65 21.00
N LYS F 92 -12.51 12.68 20.67
CA LYS F 92 -13.79 12.90 21.33
C LYS F 92 -14.82 13.39 20.34
N GLN F 93 -16.02 12.86 20.46
CA GLN F 93 -17.07 13.18 19.52
C GLN F 93 -17.37 14.68 19.65
N GLY F 94 -17.51 15.37 18.52
CA GLY F 94 -17.83 16.78 18.53
C GLY F 94 -16.72 17.68 19.05
N GLN F 95 -15.50 17.16 19.03
CA GLN F 95 -14.33 17.96 19.36
C GLN F 95 -13.16 17.55 18.48
N ASP F 96 -13.32 17.67 17.16
CA ASP F 96 -12.23 17.31 16.24
C ASP F 96 -11.00 18.19 16.41
N ASP F 97 -11.24 19.40 16.90
CA ASP F 97 -10.19 20.36 17.17
C ASP F 97 -9.11 19.78 18.14
N LEU F 98 -9.46 18.71 18.88
CA LEU F 98 -8.54 18.15 19.83
C LEU F 98 -7.56 17.18 19.20
N LEU F 99 -7.82 16.76 17.97
CA LEU F 99 -7.06 15.68 17.36
C LEU F 99 -5.62 16.07 17.19
N GLU F 100 -5.39 17.36 17.00
CA GLU F 100 -4.07 17.85 16.62
C GLU F 100 -3.09 17.72 17.80
N ASN F 101 -3.63 17.50 18.99
CA ASN F 101 -2.87 17.19 20.17
C ASN F 101 -2.36 15.75 20.25
N ILE F 102 -3.01 14.84 19.52
CA ILE F 102 -2.64 13.43 19.58
C ILE F 102 -1.31 13.27 18.88
N LYS F 103 -0.37 12.65 19.59
CA LYS F 103 0.99 12.51 19.09
C LYS F 103 1.43 11.05 18.94
N ARG F 104 2.11 10.74 17.85
CA ARG F 104 2.76 9.45 17.66
C ARG F 104 3.89 9.25 18.67
N LYS F 105 4.06 8.06 19.24
CA LYS F 105 4.97 7.91 20.39
C LYS F 105 6.49 8.01 20.08
N VAL F 106 6.94 7.49 18.94
CA VAL F 106 8.37 7.59 18.59
C VAL F 106 8.54 8.13 17.17
N HIS H 1 7.20 -32.50 34.02
CA HIS H 1 5.93 -32.50 33.24
C HIS H 1 6.02 -31.53 32.04
N MET H 2 5.44 -31.88 30.90
CA MET H 2 5.42 -31.00 29.72
C MET H 2 4.33 -29.91 29.81
N PRO H 3 4.66 -28.66 29.43
CA PRO H 3 3.67 -27.57 29.54
C PRO H 3 2.42 -27.86 28.75
N ALA H 4 1.29 -27.48 29.35
CA ALA H 4 -0.02 -27.78 28.77
C ALA H 4 -0.12 -27.25 27.33
N PHE H 5 0.53 -26.11 27.06
CA PHE H 5 0.43 -25.54 25.75
C PHE H 5 1.07 -26.46 24.72
N LEU H 6 2.24 -27.01 25.05
CA LEU H 6 2.93 -27.82 24.07
C LEU H 6 2.16 -29.13 23.81
N SER H 7 1.55 -29.69 24.84
CA SER H 7 0.76 -30.92 24.66
C SER H 7 -0.53 -30.64 23.86
N LYS H 8 -1.18 -29.53 24.16
CA LYS H 8 -2.35 -29.12 23.38
C LYS H 8 -2.00 -28.75 21.94
N LEU H 9 -0.90 -28.03 21.71
CA LEU H 9 -0.55 -27.66 20.33
C LEU H 9 -0.37 -28.93 19.49
N TRP H 10 0.26 -29.93 20.11
CA TRP H 10 0.58 -31.17 19.42
C TRP H 10 -0.73 -31.92 19.09
N THR H 11 -1.56 -32.09 20.10
CA THR H 11 -2.88 -32.70 19.91
C THR H 11 -3.58 -31.96 18.80
N LEU H 12 -3.56 -30.62 18.86
CA LEU H 12 -4.24 -29.78 17.89
C LEU H 12 -3.81 -30.06 16.50
N VAL H 13 -2.53 -29.90 16.27
CA VAL H 13 -2.01 -29.99 14.94
C VAL H 13 -2.25 -31.40 14.39
N GLU H 14 -1.92 -32.41 15.21
CA GLU H 14 -1.93 -33.82 14.81
C GLU H 14 -3.35 -34.37 14.51
N GLU H 15 -4.34 -33.90 15.27
CA GLU H 15 -5.71 -34.41 15.21
C GLU H 15 -6.38 -34.16 13.85
N THR H 16 -6.77 -35.26 13.19
CA THR H 16 -7.35 -35.23 11.83
C THR H 16 -8.64 -34.40 11.68
N HIS H 17 -9.51 -34.51 12.69
CA HIS H 17 -10.74 -33.76 12.75
C HIS H 17 -10.54 -32.24 12.57
N THR H 18 -9.40 -31.71 13.01
CA THR H 18 -9.17 -30.25 12.99
C THR H 18 -8.38 -29.76 11.78
N ASN H 19 -8.08 -30.62 10.83
CA ASN H 19 -7.16 -30.23 9.76
C ASN H 19 -7.68 -29.27 8.74
N GLU H 20 -8.97 -28.96 8.79
CA GLU H 20 -9.50 -27.94 7.90
C GLU H 20 -8.90 -26.60 8.30
N PHE H 21 -8.62 -26.49 9.59
CA PHE H 21 -8.20 -25.23 10.21
C PHE H 21 -6.69 -25.19 10.59
N ILE H 22 -6.19 -26.26 11.19
CA ILE H 22 -4.79 -26.33 11.56
C ILE H 22 -4.22 -27.72 11.30
N THR H 23 -3.10 -27.78 10.60
CA THR H 23 -2.53 -29.04 10.19
C THR H 23 -1.00 -28.99 9.88
N TRP H 24 -0.38 -30.16 9.77
CA TRP H 24 1.03 -30.20 9.41
C TRP H 24 1.19 -29.68 8.00
N SER H 25 2.28 -28.96 7.82
CA SER H 25 2.66 -28.51 6.49
C SER H 25 3.03 -29.79 5.72
N GLN H 26 3.31 -29.65 4.44
CA GLN H 26 3.36 -30.85 3.62
C GLN H 26 4.52 -31.77 4.00
N ASN H 27 5.62 -31.22 4.53
CA ASN H 27 6.77 -32.06 4.83
C ASN H 27 7.08 -32.20 6.32
N GLY H 28 6.07 -31.99 7.16
CA GLY H 28 6.18 -32.27 8.60
C GLY H 28 7.13 -31.36 9.39
N GLN H 29 7.62 -30.30 8.76
CA GLN H 29 8.58 -29.37 9.40
C GLN H 29 7.96 -28.16 10.11
N SER H 30 6.67 -27.93 9.91
CA SER H 30 6.00 -26.72 10.43
C SER H 30 4.50 -27.01 10.41
N PHE H 31 3.67 -26.15 10.99
CA PHE H 31 2.22 -26.36 10.97
C PHE H 31 1.55 -25.15 10.36
N LEU H 32 0.39 -25.35 9.78
CA LEU H 32 -0.34 -24.30 9.09
C LEU H 32 -1.61 -23.98 9.82
N VAL H 33 -2.02 -22.71 9.78
CA VAL H 33 -3.36 -22.37 10.22
C VAL H 33 -4.05 -21.90 8.97
N LEU H 34 -5.01 -22.71 8.51
CA LEU H 34 -5.61 -22.54 7.20
C LEU H 34 -6.70 -21.47 7.19
N ASP H 35 -7.54 -21.47 8.22
CA ASP H 35 -8.60 -20.46 8.37
C ASP H 35 -8.47 -19.81 9.73
N GLU H 36 -7.71 -18.71 9.80
CA GLU H 36 -7.42 -18.05 11.06
C GLU H 36 -8.69 -17.73 11.84
N GLN H 37 -9.66 -17.11 11.17
CA GLN H 37 -10.87 -16.64 11.88
C GLN H 37 -11.68 -17.80 12.43
N ARG H 38 -11.93 -18.82 11.63
CA ARG H 38 -12.76 -19.90 12.16
C ARG H 38 -11.91 -20.75 13.13
N PHE H 39 -10.62 -20.87 12.84
CA PHE H 39 -9.72 -21.51 13.82
C PHE H 39 -9.87 -20.87 15.17
N ALA H 40 -9.82 -19.55 15.21
CA ALA H 40 -9.74 -18.90 16.50
C ALA H 40 -11.08 -18.96 17.22
N LYS H 41 -12.19 -18.83 16.50
CA LYS H 41 -13.46 -18.69 17.20
C LYS H 41 -14.03 -20.06 17.52
N GLU H 42 -13.78 -21.05 16.65
CA GLU H 42 -14.37 -22.37 16.82
C GLU H 42 -13.44 -23.39 17.50
N ILE H 43 -12.17 -23.43 17.11
CA ILE H 43 -11.23 -24.40 17.68
C ILE H 43 -10.52 -23.94 18.95
N LEU H 44 -9.94 -22.73 18.95
CA LEU H 44 -9.17 -22.31 20.13
C LEU H 44 -9.91 -22.50 21.47
N PRO H 45 -11.17 -22.06 21.55
CA PRO H 45 -11.77 -22.10 22.89
C PRO H 45 -12.03 -23.49 23.43
N LYS H 46 -12.02 -24.52 22.60
CA LYS H 46 -12.26 -25.84 23.17
C LYS H 46 -10.95 -26.52 23.57
N TYR H 47 -9.84 -25.77 23.50
CA TYR H 47 -8.54 -26.28 23.98
C TYR H 47 -7.89 -25.32 24.95
N PHE H 48 -8.28 -24.06 24.88
CA PHE H 48 -7.72 -23.03 25.73
C PHE H 48 -8.84 -22.20 26.36
N LYS H 49 -8.46 -21.28 27.24
CA LYS H 49 -9.44 -20.46 27.92
C LYS H 49 -9.62 -19.13 27.23
N HIS H 50 -9.54 -19.14 25.90
CA HIS H 50 -9.80 -17.93 25.10
C HIS H 50 -10.12 -18.28 23.67
N ASN H 51 -10.47 -17.27 22.90
CA ASN H 51 -10.65 -17.43 21.46
C ASN H 51 -9.94 -16.36 20.63
N ASN H 52 -8.77 -15.97 21.11
CA ASN H 52 -7.99 -14.95 20.47
C ASN H 52 -6.73 -15.47 19.79
N MET H 53 -6.68 -15.31 18.49
CA MET H 53 -5.51 -15.67 17.72
C MET H 53 -4.29 -15.00 18.33
N ALA H 54 -4.40 -13.75 18.73
CA ALA H 54 -3.22 -13.04 19.22
C ALA H 54 -2.66 -13.77 20.45
N SER H 55 -3.52 -14.26 21.32
CA SER H 55 -3.02 -14.89 22.54
C SER H 55 -2.54 -16.33 22.26
N PHE H 56 -3.05 -16.97 21.21
CA PHE H 56 -2.42 -18.16 20.68
C PHE H 56 -1.01 -17.84 20.17
N VAL H 57 -0.90 -16.84 19.31
CA VAL H 57 0.40 -16.43 18.73
C VAL H 57 1.34 -16.00 19.82
N ARG H 58 0.83 -15.41 20.86
CA ARG H 58 1.76 -14.97 21.89
C ARG H 58 2.46 -16.19 22.49
N GLN H 59 1.69 -17.24 22.66
CA GLN H 59 2.23 -18.42 23.29
C GLN H 59 3.23 -19.06 22.34
N LEU H 60 2.92 -19.05 21.06
CA LEU H 60 3.83 -19.63 20.09
C LEU H 60 5.22 -18.94 20.17
N ASN H 61 5.23 -17.61 20.13
CA ASN H 61 6.47 -16.87 20.21
C ASN H 61 7.16 -17.11 21.59
N MET H 62 6.34 -17.25 22.62
CA MET H 62 6.85 -17.46 23.98
C MET H 62 7.67 -18.75 24.03
N TYR H 63 7.29 -19.77 23.28
CA TYR H 63 8.00 -21.04 23.30
C TYR H 63 9.03 -21.13 22.19
N GLY H 64 9.24 -20.03 21.49
CA GLY H 64 10.31 -19.94 20.49
C GLY H 64 9.88 -20.30 19.10
N PHE H 65 8.59 -20.54 18.88
CA PHE H 65 8.11 -20.73 17.51
C PHE H 65 8.32 -19.47 16.69
N ARG H 66 8.55 -19.61 15.39
CA ARG H 66 8.71 -18.46 14.49
C ARG H 66 7.80 -18.63 13.27
N LYS H 67 7.18 -17.52 12.92
CA LYS H 67 6.38 -17.41 11.73
C LYS H 67 7.22 -17.55 10.49
N VAL H 68 6.76 -18.43 9.60
CA VAL H 68 7.37 -18.60 8.29
C VAL H 68 6.79 -17.58 7.33
N VAL H 69 7.60 -16.66 6.81
CA VAL H 69 7.07 -15.60 5.99
C VAL H 69 6.81 -16.05 4.57
N HIS H 70 5.62 -15.75 4.07
CA HIS H 70 5.22 -16.05 2.69
C HIS H 70 4.94 -14.73 1.95
N ILE H 71 5.92 -14.23 1.20
CA ILE H 71 5.85 -12.87 0.64
C ILE H 71 5.40 -12.79 -0.82
N ASP H 72 4.48 -11.86 -1.09
CA ASP H 72 4.06 -11.55 -2.46
C ASP H 72 5.27 -11.06 -3.24
N SER H 73 5.93 -12.00 -3.91
CA SER H 73 7.13 -11.70 -4.70
C SER H 73 6.69 -11.41 -6.14
N GLY H 74 5.41 -11.64 -6.43
CA GLY H 74 4.84 -11.34 -7.73
C GLY H 74 3.59 -10.52 -7.51
N ILE H 75 2.55 -10.84 -8.25
CA ILE H 75 1.29 -10.12 -8.17
C ILE H 75 0.80 -10.09 -6.70
N VAL H 76 0.22 -8.98 -6.28
CA VAL H 76 -0.38 -8.96 -4.96
C VAL H 76 -1.69 -9.75 -5.07
N LYS H 77 -1.88 -10.72 -4.18
CA LYS H 77 -3.13 -11.47 -4.09
C LYS H 77 -4.04 -10.76 -3.12
N GLN H 78 -4.66 -9.68 -3.58
CA GLN H 78 -5.47 -8.80 -2.74
C GLN H 78 -6.75 -9.50 -2.25
N GLU H 79 -6.95 -10.75 -2.68
CA GLU H 79 -7.97 -11.62 -2.11
C GLU H 79 -7.61 -11.91 -0.64
N ARG H 80 -6.38 -11.46 -0.27
CA ARG H 80 -5.87 -11.14 1.09
C ARG H 80 -5.40 -12.13 2.18
N ASP H 81 -6.08 -13.25 2.44
CA ASP H 81 -5.80 -13.99 3.67
C ASP H 81 -5.08 -15.31 3.44
N GLY H 82 -3.85 -15.22 2.93
CA GLY H 82 -3.02 -16.39 2.73
C GLY H 82 -2.74 -17.08 4.05
N PRO H 83 -2.52 -18.41 4.02
CA PRO H 83 -2.22 -19.13 5.26
C PRO H 83 -0.98 -18.67 6.03
N VAL H 84 -1.10 -19.01 7.31
CA VAL H 84 -0.22 -18.66 8.38
C VAL H 84 0.55 -19.93 8.68
N GLU H 85 1.86 -19.80 8.74
CA GLU H 85 2.74 -20.93 9.02
C GLU H 85 3.69 -20.65 10.16
N PHE H 86 3.79 -21.59 11.07
CA PHE H 86 4.72 -21.51 12.20
C PHE H 86 5.67 -22.69 12.33
N GLN H 87 6.87 -22.41 12.76
CA GLN H 87 7.88 -23.45 12.84
C GLN H 87 8.74 -23.39 14.09
N HIS H 88 9.04 -24.56 14.66
CA HIS H 88 10.04 -24.68 15.72
C HIS H 88 10.95 -25.92 15.40
N PRO H 89 12.29 -25.79 15.56
CA PRO H 89 13.15 -26.95 15.23
C PRO H 89 12.74 -28.25 15.91
N TYR H 90 12.21 -28.20 17.11
CA TYR H 90 11.83 -29.40 17.87
C TYR H 90 10.30 -29.74 17.92
N PHE H 91 9.53 -29.16 16.99
CA PHE H 91 8.10 -29.40 16.83
C PHE H 91 7.96 -29.99 15.46
N LYS H 92 8.01 -31.32 15.35
CA LYS H 92 8.17 -31.94 14.04
C LYS H 92 7.27 -33.16 13.93
N GLN H 93 6.64 -33.32 12.78
CA GLN H 93 5.70 -34.40 12.59
C GLN H 93 6.41 -35.73 12.67
N GLY H 94 5.90 -36.62 13.50
CA GLY H 94 6.45 -37.95 13.63
C GLY H 94 7.77 -37.93 14.38
N GLN H 95 7.93 -36.95 15.26
CA GLN H 95 9.06 -36.92 16.15
C GLN H 95 8.68 -36.30 17.47
N ASP H 96 7.67 -36.84 18.14
CA ASP H 96 7.15 -36.23 19.37
C ASP H 96 8.10 -36.30 20.58
N ASP H 97 9.15 -37.09 20.43
CA ASP H 97 10.19 -37.16 21.45
C ASP H 97 10.94 -35.81 21.56
N LEU H 98 10.95 -35.06 20.46
CA LEU H 98 11.66 -33.79 20.39
C LEU H 98 11.01 -32.69 21.24
N LEU H 99 9.70 -32.84 21.49
CA LEU H 99 8.90 -31.84 22.19
C LEU H 99 9.48 -31.42 23.51
N GLU H 100 10.20 -32.33 24.17
CA GLU H 100 10.61 -32.07 25.55
C GLU H 100 11.81 -31.09 25.54
N ASN H 101 12.43 -30.91 24.39
CA ASN H 101 13.47 -29.91 24.26
C ASN H 101 12.89 -28.51 24.11
N ILE H 102 11.60 -28.36 23.80
CA ILE H 102 11.05 -27.01 23.67
C ILE H 102 10.99 -26.35 25.07
N LYS H 103 11.39 -25.09 25.17
CA LYS H 103 11.46 -24.40 26.48
C LYS H 103 10.70 -23.06 26.46
N ARG H 104 9.97 -22.76 27.53
CA ARG H 104 9.30 -21.49 27.65
C ARG H 104 10.36 -20.41 27.75
N LYS H 105 10.10 -19.18 27.31
CA LYS H 105 11.20 -18.24 27.13
C LYS H 105 11.83 -17.65 28.41
N VAL H 106 11.05 -17.09 29.33
CA VAL H 106 11.70 -16.46 30.52
C VAL H 106 11.39 -17.27 31.77
#